data_9R40
#
_entry.id   9R40
#
_cell.length_a   62.797
_cell.length_b   62.797
_cell.length_c   163.274
_cell.angle_alpha   90
_cell.angle_beta   90
_cell.angle_gamma   90
#
_symmetry.space_group_name_H-M   'P 43 21 2'
#
loop_
_entity.id
_entity.type
_entity.pdbx_description
1 polymer 'Haloalkane dehalogenase'
2 non-polymer 'CHLORIDE ION'
3 non-polymer (2~{S},4~{S})-1-[(3~{S})-3-azanyl-3-(2-methoxyphenyl)propanoyl]-~{N}-[(2~{R})-1-[2-[2-[2-[2-(6-chloranylhexoxy)ethoxy]ethoxy]ethoxy]ethylamino]-1-oxidanylidene-3-pyridin-4-yl-propan-2-yl]-4-cyclohexyl-pyrrolidine-2-carboxamide
4 water water
#
_entity_poly.entity_id   1
_entity_poly.type   'polypeptide(L)'
_entity_poly.pdbx_seq_one_letter_code
;MAHHHHHHMMAEIGTGFPFDPHYVEVLGERMHYVDVGPRDGTPVLFLHGNPTSSYVWRNIIPHVAPTHRCIAPDLIGMGK
SDKPDLGYFFDDHVRFMDAFIEALGLEEVVLVIHDWGSALGFHWAKRNPERVKGIAFMEFIRPIPTWDEWPEFARETFQA
FRTTDVGRKLIIDQNVFIEGTLPMGVVRPLTEVEMDHYREPFLNPVDREPLWRFPNELPIAGEPANIVALVEEYMDWLHQ
SPVPKLLFWGTPGVLIPPAEAARLAKSLPNCKAVDIGPGLNLLQEDNPDLIGSEIARWLSTLEISG
;
_entity_poly.pdbx_strand_id   A
#
# COMPACT_ATOMS: atom_id res chain seq x y z
N ILE A 13 -17.89 -9.31 -5.66
CA ILE A 13 -16.82 -8.67 -4.83
C ILE A 13 -17.35 -8.49 -3.40
N GLY A 14 -16.71 -9.20 -2.46
CA GLY A 14 -17.20 -9.31 -1.09
C GLY A 14 -16.92 -8.00 -0.35
N THR A 15 -17.86 -7.65 0.53
CA THR A 15 -17.86 -6.44 1.33
C THR A 15 -17.53 -6.77 2.77
N GLY A 16 -17.60 -8.06 3.11
CA GLY A 16 -17.35 -8.51 4.46
C GLY A 16 -15.86 -8.48 4.80
N PHE A 17 -15.58 -8.42 6.11
CA PHE A 17 -14.22 -8.48 6.63
C PHE A 17 -14.20 -9.58 7.67
N PRO A 18 -14.24 -10.87 7.27
CA PRO A 18 -14.36 -11.98 8.19
C PRO A 18 -13.05 -12.43 8.80
N PHE A 19 -12.33 -11.52 9.46
CA PHE A 19 -11.04 -11.85 10.02
C PHE A 19 -11.07 -11.43 11.47
N ASP A 20 -10.65 -12.36 12.33
CA ASP A 20 -10.57 -12.11 13.75
C ASP A 20 -9.40 -11.17 14.00
N PRO A 21 -9.54 -10.24 14.94
CA PRO A 21 -8.52 -9.22 15.13
C PRO A 21 -7.34 -9.82 15.88
N HIS A 22 -6.14 -9.50 15.42
CA HIS A 22 -4.94 -9.73 16.20
C HIS A 22 -4.33 -8.37 16.50
N TYR A 23 -3.67 -8.27 17.66
CA TYR A 23 -3.08 -7.06 18.19
C TYR A 23 -1.68 -7.38 18.71
N VAL A 24 -0.72 -6.48 18.53
CA VAL A 24 0.60 -6.64 19.15
C VAL A 24 1.10 -5.26 19.59
N GLU A 25 1.80 -5.19 20.74
CA GLU A 25 2.31 -3.92 21.25
C GLU A 25 3.52 -3.56 20.41
N VAL A 26 3.51 -2.37 19.79
CA VAL A 26 4.63 -1.89 18.99
C VAL A 26 5.01 -0.46 19.41
N LEU A 27 6.19 -0.33 20.03
CA LEU A 27 6.75 0.93 20.52
C LEU A 27 5.74 1.66 21.42
N GLY A 28 5.22 0.94 22.42
CA GLY A 28 4.25 1.48 23.37
C GLY A 28 2.87 1.76 22.77
N GLU A 29 2.57 1.24 21.58
CA GLU A 29 1.27 1.40 20.95
C GLU A 29 0.72 0.01 20.62
N ARG A 30 -0.53 -0.06 20.18
CA ARG A 30 -1.12 -1.32 19.76
C ARG A 30 -1.45 -1.23 18.28
N MET A 31 -0.97 -2.23 17.53
CA MET A 31 -1.32 -2.32 16.13
C MET A 31 -2.22 -3.54 15.89
N HIS A 32 -3.18 -3.40 14.98
CA HIS A 32 -4.05 -4.49 14.59
C HIS A 32 -3.46 -5.22 13.38
N TYR A 33 -3.70 -6.53 13.32
CA TYR A 33 -3.41 -7.28 12.11
C TYR A 33 -4.35 -8.47 11.92
N VAL A 34 -4.63 -8.70 10.63
CA VAL A 34 -5.15 -9.96 10.12
C VAL A 34 -4.01 -10.97 10.11
N ASP A 35 -4.27 -12.14 10.70
CA ASP A 35 -3.33 -13.23 10.67
C ASP A 35 -4.11 -14.49 10.29
N VAL A 36 -3.90 -15.03 9.09
CA VAL A 36 -4.57 -16.27 8.70
C VAL A 36 -3.61 -17.18 7.94
N GLY A 37 -4.03 -18.42 7.71
CA GLY A 37 -3.33 -19.36 6.85
C GLY A 37 -2.41 -20.32 7.62
N PRO A 38 -1.68 -21.23 6.93
CA PRO A 38 -0.70 -22.07 7.62
C PRO A 38 0.27 -21.25 8.48
N ARG A 39 0.77 -21.85 9.56
CA ARG A 39 1.68 -21.17 10.47
C ARG A 39 3.12 -21.45 10.08
N ASP A 40 3.37 -22.30 9.09
CA ASP A 40 4.63 -23.03 9.04
C ASP A 40 5.61 -22.37 8.06
N GLY A 41 5.12 -21.76 6.99
CA GLY A 41 5.99 -21.53 5.84
C GLY A 41 6.70 -20.19 5.88
N THR A 42 7.02 -19.72 4.66
CA THR A 42 7.29 -18.32 4.44
C THR A 42 5.98 -17.53 4.48
N PRO A 43 5.87 -16.52 5.38
CA PRO A 43 4.70 -15.67 5.44
C PRO A 43 4.65 -14.57 4.38
N VAL A 44 3.42 -14.14 4.11
CA VAL A 44 3.14 -13.11 3.13
C VAL A 44 2.60 -11.85 3.82
N LEU A 45 3.33 -10.74 3.66
CA LEU A 45 2.98 -9.53 4.37
C LEU A 45 2.24 -8.58 3.43
N PHE A 46 0.98 -8.27 3.77
CA PHE A 46 0.21 -7.31 2.98
C PHE A 46 0.27 -5.94 3.66
N LEU A 47 0.79 -4.92 2.95
CA LEU A 47 0.85 -3.54 3.44
C LEU A 47 -0.07 -2.61 2.64
N HIS A 48 -1.14 -2.15 3.28
CA HIS A 48 -2.02 -1.16 2.68
C HIS A 48 -1.37 0.23 2.63
N GLY A 49 -2.07 1.17 2.00
CA GLY A 49 -1.66 2.57 1.95
C GLY A 49 -2.84 3.48 2.30
N ASN A 50 -2.85 4.62 1.64
CA ASN A 50 -3.71 5.74 2.01
C ASN A 50 -4.85 5.77 1.00
N PRO A 51 -6.13 5.81 1.43
CA PRO A 51 -6.55 5.85 2.82
C PRO A 51 -7.27 4.59 3.32
N THR A 52 -6.60 3.45 3.12
CA THR A 52 -7.21 2.16 3.28
C THR A 52 -6.76 1.57 4.61
N SER A 53 -6.98 0.27 4.74
CA SER A 53 -6.56 -0.51 5.88
C SER A 53 -6.32 -1.91 5.34
N SER A 54 -6.27 -2.92 6.20
CA SER A 54 -6.22 -4.29 5.77
C SER A 54 -7.52 -4.68 5.04
N TYR A 55 -8.59 -3.89 5.19
CA TYR A 55 -9.83 -4.09 4.43
C TYR A 55 -9.53 -4.21 2.93
N VAL A 56 -8.59 -3.43 2.42
CA VAL A 56 -8.34 -3.38 1.00
C VAL A 56 -7.96 -4.78 0.54
N TRP A 57 -7.40 -5.59 1.44
CA TRP A 57 -6.92 -6.93 1.12
C TRP A 57 -7.95 -8.05 1.26
N ARG A 58 -9.17 -7.74 1.66
CA ARG A 58 -10.05 -8.78 2.18
C ARG A 58 -10.35 -9.87 1.15
N ASN A 59 -10.32 -9.52 -0.14
CA ASN A 59 -10.73 -10.41 -1.20
C ASN A 59 -9.51 -10.98 -1.95
N ILE A 60 -8.30 -10.61 -1.54
CA ILE A 60 -7.06 -11.09 -2.12
C ILE A 60 -6.52 -12.21 -1.23
N ILE A 61 -6.72 -12.04 0.07
CA ILE A 61 -6.14 -12.87 1.11
C ILE A 61 -6.67 -14.31 1.00
N PRO A 62 -7.98 -14.54 0.72
CA PRO A 62 -8.54 -15.89 0.70
C PRO A 62 -7.96 -16.82 -0.38
N HIS A 63 -7.47 -16.20 -1.46
CA HIS A 63 -6.69 -16.89 -2.48
C HIS A 63 -5.34 -17.38 -1.95
N VAL A 64 -4.75 -16.68 -0.97
CA VAL A 64 -3.41 -17.03 -0.53
C VAL A 64 -3.46 -17.84 0.75
N ALA A 65 -4.47 -17.58 1.62
CA ALA A 65 -4.61 -18.22 2.92
C ALA A 65 -4.48 -19.75 2.90
N PRO A 66 -4.92 -20.48 1.83
CA PRO A 66 -4.82 -21.94 1.81
C PRO A 66 -3.40 -22.50 1.89
N THR A 67 -2.44 -21.80 1.27
CA THR A 67 -1.08 -22.33 1.17
C THR A 67 -0.05 -21.50 1.93
N HIS A 68 -0.38 -20.24 2.22
CA HIS A 68 0.55 -19.34 2.87
C HIS A 68 -0.09 -18.60 4.04
N ARG A 69 0.74 -18.38 5.08
CA ARG A 69 0.41 -17.46 6.15
C ARG A 69 0.22 -16.05 5.61
N CYS A 70 -0.89 -15.44 6.01
CA CYS A 70 -1.26 -14.12 5.54
C CYS A 70 -1.27 -13.17 6.74
N ILE A 71 -0.42 -12.13 6.66
CA ILE A 71 -0.28 -11.13 7.73
C ILE A 71 -0.55 -9.77 7.12
N ALA A 72 -1.56 -9.08 7.67
CA ALA A 72 -2.01 -7.84 7.08
C ALA A 72 -2.23 -6.82 8.19
N PRO A 73 -1.23 -5.95 8.47
CA PRO A 73 -1.38 -4.93 9.51
C PRO A 73 -2.02 -3.66 9.00
N ASP A 74 -2.84 -3.07 9.88
CA ASP A 74 -3.24 -1.68 9.82
C ASP A 74 -2.05 -0.84 10.30
N LEU A 75 -1.59 0.05 9.41
CA LEU A 75 -0.62 1.09 9.74
C LEU A 75 -1.08 1.88 10.96
N ILE A 76 -0.10 2.25 11.78
CA ILE A 76 -0.35 3.10 12.92
C ILE A 76 -1.23 4.27 12.48
N GLY A 77 -2.24 4.54 13.31
CA GLY A 77 -3.14 5.65 13.05
C GLY A 77 -4.21 5.31 12.02
N MET A 78 -4.26 4.03 11.63
CA MET A 78 -5.21 3.59 10.61
C MET A 78 -5.82 2.27 11.04
N GLY A 79 -6.83 1.85 10.25
CA GLY A 79 -7.69 0.74 10.59
C GLY A 79 -8.05 0.74 12.07
N LYS A 80 -7.76 -0.39 12.71
CA LYS A 80 -7.96 -0.62 14.12
C LYS A 80 -6.64 -0.51 14.89
N SER A 81 -5.58 -0.03 14.23
CA SER A 81 -4.37 0.24 14.99
C SER A 81 -4.57 1.51 15.83
N ASP A 82 -3.76 1.65 16.88
CA ASP A 82 -3.84 2.80 17.79
C ASP A 82 -3.56 4.12 17.04
N LYS A 83 -4.07 5.23 17.59
CA LYS A 83 -3.99 6.54 16.95
C LYS A 83 -3.33 7.58 17.85
N PRO A 84 -2.03 7.45 18.20
CA PRO A 84 -1.35 8.45 19.02
C PRO A 84 -1.12 9.78 18.30
N ASP A 85 -0.93 10.85 19.07
CA ASP A 85 -0.85 12.19 18.52
C ASP A 85 0.50 12.28 17.84
N LEU A 86 0.62 11.70 16.64
CA LEU A 86 1.87 11.80 15.90
C LEU A 86 1.61 12.74 14.72
N GLY A 87 2.67 13.11 14.01
CA GLY A 87 2.56 13.77 12.72
C GLY A 87 2.33 12.80 11.56
N TYR A 88 2.58 11.48 11.81
CA TYR A 88 2.34 10.39 10.87
C TYR A 88 3.20 10.62 9.63
N PHE A 89 4.44 11.07 9.85
CA PHE A 89 5.42 11.19 8.79
C PHE A 89 5.70 9.79 8.28
N PHE A 90 6.18 9.70 7.03
CA PHE A 90 6.64 8.44 6.49
C PHE A 90 7.55 7.79 7.52
N ASP A 91 8.42 8.60 8.11
CA ASP A 91 9.45 8.09 8.99
C ASP A 91 8.82 7.45 10.21
N ASP A 92 7.62 7.93 10.60
CA ASP A 92 6.96 7.32 11.75
C ASP A 92 6.43 5.95 11.33
N HIS A 93 5.82 5.89 10.15
CA HIS A 93 5.33 4.62 9.62
C HIS A 93 6.47 3.59 9.55
N VAL A 94 7.65 4.02 9.08
CA VAL A 94 8.80 3.13 9.02
C VAL A 94 9.09 2.59 10.42
N ARG A 95 9.20 3.51 11.38
CA ARG A 95 9.55 3.17 12.74
C ARG A 95 8.61 2.06 13.20
N PHE A 96 7.32 2.27 12.94
CA PHE A 96 6.29 1.41 13.51
C PHE A 96 6.27 0.08 12.77
N MET A 97 6.42 0.08 11.44
CA MET A 97 6.36 -1.14 10.66
C MET A 97 7.62 -1.98 10.87
N ASP A 98 8.78 -1.34 10.94
CA ASP A 98 10.01 -2.05 11.26
C ASP A 98 9.77 -2.83 12.56
N ALA A 99 9.18 -2.15 13.53
CA ALA A 99 9.00 -2.71 14.86
C ALA A 99 7.97 -3.83 14.85
N PHE A 100 6.89 -3.64 14.08
CA PHE A 100 5.84 -4.64 14.02
C PHE A 100 6.39 -5.97 13.52
N ILE A 101 7.21 -5.88 12.47
CA ILE A 101 7.78 -7.06 11.82
C ILE A 101 8.59 -7.83 12.85
N GLU A 102 9.38 -7.09 13.67
CA GLU A 102 10.33 -7.72 14.59
C GLU A 102 9.55 -8.31 15.75
N ALA A 103 8.41 -7.72 16.06
CA ALA A 103 7.57 -8.19 17.13
C ALA A 103 6.98 -9.54 16.75
N LEU A 104 6.47 -9.66 15.52
CA LEU A 104 5.89 -10.92 15.06
C LEU A 104 6.98 -11.99 14.93
N GLY A 105 8.25 -11.58 14.86
CA GLY A 105 9.32 -12.57 14.81
C GLY A 105 9.58 -13.08 13.40
N LEU A 106 9.12 -12.31 12.40
CA LEU A 106 9.23 -12.69 11.01
C LEU A 106 10.69 -12.75 10.60
N GLU A 107 11.04 -13.74 9.77
CA GLU A 107 12.39 -13.90 9.27
C GLU A 107 12.42 -13.56 7.78
N GLU A 108 12.23 -14.56 6.92
CA GLU A 108 12.05 -14.34 5.49
C GLU A 108 10.58 -13.99 5.30
N VAL A 109 10.27 -13.20 4.28
CA VAL A 109 8.87 -12.89 3.98
C VAL A 109 8.69 -12.76 2.48
N VAL A 110 7.43 -12.80 2.06
CA VAL A 110 7.08 -12.23 0.76
C VAL A 110 6.20 -11.01 0.97
N LEU A 111 6.45 -9.98 0.17
CA LEU A 111 5.77 -8.71 0.34
C LEU A 111 4.73 -8.54 -0.74
N VAL A 112 3.49 -8.27 -0.33
CA VAL A 112 2.44 -7.83 -1.23
C VAL A 112 2.08 -6.41 -0.82
N ILE A 113 2.36 -5.42 -1.69
CA ILE A 113 2.36 -4.04 -1.25
C ILE A 113 1.66 -3.14 -2.27
N HIS A 114 1.27 -1.94 -1.80
CA HIS A 114 0.41 -1.01 -2.51
C HIS A 114 0.54 0.40 -1.94
N ASP A 115 0.47 1.42 -2.81
CA ASP A 115 0.43 2.82 -2.42
C ASP A 115 1.54 3.06 -1.39
N TRP A 116 1.21 3.67 -0.24
CA TRP A 116 2.23 3.94 0.76
C TRP A 116 2.88 2.66 1.30
N GLY A 117 2.09 1.59 1.46
CA GLY A 117 2.63 0.26 1.80
C GLY A 117 3.82 -0.14 0.92
N SER A 118 3.83 0.30 -0.35
CA SER A 118 4.88 -0.08 -1.29
C SER A 118 6.19 0.59 -0.92
N ALA A 119 6.08 1.88 -0.53
CA ALA A 119 7.21 2.66 -0.02
C ALA A 119 7.76 2.01 1.25
N LEU A 120 6.88 1.58 2.15
CA LEU A 120 7.33 0.83 3.30
C LEU A 120 8.01 -0.46 2.86
N GLY A 121 7.41 -1.15 1.89
CA GLY A 121 7.83 -2.51 1.60
C GLY A 121 9.20 -2.48 0.94
N PHE A 122 9.34 -1.57 -0.03
CA PHE A 122 10.57 -1.46 -0.80
C PHE A 122 11.68 -0.98 0.13
N HIS A 123 11.32 -0.03 1.02
CA HIS A 123 12.28 0.62 1.88
C HIS A 123 12.84 -0.40 2.86
N TRP A 124 11.96 -1.27 3.37
CA TRP A 124 12.36 -2.33 4.29
C TRP A 124 13.18 -3.39 3.55
N ALA A 125 12.78 -3.66 2.29
CA ALA A 125 13.45 -4.65 1.48
C ALA A 125 14.86 -4.18 1.17
N LYS A 126 14.99 -2.91 0.78
CA LYS A 126 16.31 -2.36 0.54
C LYS A 126 17.16 -2.65 1.76
N ARG A 127 16.62 -2.48 2.97
CA ARG A 127 17.44 -2.61 4.17
C ARG A 127 17.59 -4.07 4.58
N ASN A 128 16.75 -4.97 4.08
CA ASN A 128 16.81 -6.37 4.50
C ASN A 128 16.68 -7.32 3.30
N PRO A 129 17.58 -7.20 2.30
CA PRO A 129 17.42 -7.92 1.03
C PRO A 129 17.44 -9.44 1.19
N GLU A 130 18.32 -9.95 2.06
CA GLU A 130 18.43 -11.39 2.25
C GLU A 130 17.20 -11.95 2.97
N ARG A 131 16.14 -11.16 3.21
CA ARG A 131 14.93 -11.66 3.84
C ARG A 131 13.69 -11.44 2.96
N VAL A 132 13.84 -10.97 1.73
CA VAL A 132 12.68 -10.87 0.86
C VAL A 132 12.75 -11.94 -0.22
N LYS A 133 11.90 -12.97 -0.11
CA LYS A 133 11.88 -14.09 -1.06
C LYS A 133 11.06 -13.71 -2.30
N GLY A 134 10.25 -12.64 -2.21
CA GLY A 134 9.57 -12.08 -3.38
C GLY A 134 8.81 -10.80 -3.04
N ILE A 135 8.53 -9.97 -4.04
CA ILE A 135 7.69 -8.79 -3.86
C ILE A 135 6.64 -8.76 -4.96
N ALA A 136 5.37 -8.71 -4.56
CA ALA A 136 4.34 -8.30 -5.50
C ALA A 136 3.88 -6.89 -5.16
N PHE A 137 3.69 -6.06 -6.18
CA PHE A 137 3.35 -4.68 -5.94
C PHE A 137 2.36 -4.19 -7.00
N MET A 138 1.82 -2.99 -6.78
CA MET A 138 0.81 -2.42 -7.65
C MET A 138 0.62 -0.96 -7.23
N GLU A 139 0.36 -0.07 -8.19
CA GLU A 139 0.04 1.31 -7.86
C GLU A 139 0.89 1.77 -6.67
N PHE A 140 2.20 1.84 -6.90
CA PHE A 140 3.20 2.03 -5.86
C PHE A 140 3.88 3.40 -5.99
N ILE A 141 4.63 3.79 -4.93
CA ILE A 141 5.23 5.12 -4.86
CA ILE A 141 5.23 5.12 -4.86
C ILE A 141 6.54 5.09 -5.63
N ARG A 142 6.62 5.97 -6.64
CA ARG A 142 7.83 6.23 -7.38
C ARG A 142 7.95 7.75 -7.48
N PRO A 143 9.13 8.30 -7.83
CA PRO A 143 9.25 9.72 -8.03
C PRO A 143 8.48 10.14 -9.26
N ILE A 144 7.65 11.16 -9.09
CA ILE A 144 6.96 11.80 -10.18
C ILE A 144 7.72 13.10 -10.42
N PRO A 145 8.72 13.12 -11.34
CA PRO A 145 9.67 14.24 -11.43
C PRO A 145 9.06 15.60 -11.79
N THR A 146 7.88 15.61 -12.42
CA THR A 146 7.14 16.85 -12.65
C THR A 146 5.66 16.58 -12.42
N TRP A 147 4.90 17.63 -12.10
CA TRP A 147 3.46 17.47 -11.96
C TRP A 147 2.81 17.06 -13.28
N ASP A 148 3.52 17.21 -14.41
CA ASP A 148 3.05 16.77 -15.72
C ASP A 148 2.75 15.27 -15.68
N GLU A 149 3.59 14.52 -14.95
CA GLU A 149 3.52 13.07 -14.91
C GLU A 149 2.47 12.58 -13.90
N TRP A 150 1.75 13.50 -13.20
CA TRP A 150 0.66 13.12 -12.33
C TRP A 150 -0.66 13.13 -13.11
N PRO A 151 -1.65 12.26 -12.85
CA PRO A 151 -2.88 12.23 -13.64
C PRO A 151 -3.61 13.56 -13.73
N GLU A 152 -3.81 14.04 -14.97
CA GLU A 152 -4.48 15.32 -15.24
C GLU A 152 -5.59 15.50 -14.22
N PHE A 153 -6.48 14.50 -14.15
CA PHE A 153 -7.78 14.71 -13.52
C PHE A 153 -7.61 14.85 -12.01
N ALA A 154 -6.39 14.64 -11.49
CA ALA A 154 -6.14 14.61 -10.06
C ALA A 154 -5.11 15.65 -9.62
N ARG A 155 -4.71 16.56 -10.52
CA ARG A 155 -3.64 17.51 -10.24
C ARG A 155 -4.11 18.61 -9.29
N GLU A 156 -5.18 19.33 -9.65
CA GLU A 156 -5.73 20.39 -8.83
C GLU A 156 -5.95 19.84 -7.40
N THR A 157 -6.53 18.63 -7.30
CA THR A 157 -6.89 18.06 -6.00
C THR A 157 -5.63 17.82 -5.17
N PHE A 158 -4.63 17.12 -5.70
CA PHE A 158 -3.45 16.80 -4.91
C PHE A 158 -2.57 18.03 -4.70
N GLN A 159 -2.82 19.07 -5.51
CA GLN A 159 -2.10 20.30 -5.32
C GLN A 159 -2.63 21.02 -4.08
N ALA A 160 -3.95 21.05 -3.94
CA ALA A 160 -4.57 21.67 -2.78
C ALA A 160 -4.28 20.84 -1.53
N PHE A 161 -4.18 19.53 -1.69
CA PHE A 161 -3.89 18.63 -0.58
C PHE A 161 -2.56 18.98 0.04
N ARG A 162 -1.62 19.34 -0.84
CA ARG A 162 -0.27 19.70 -0.45
C ARG A 162 -0.22 21.19 -0.07
N THR A 163 -1.18 21.60 0.77
CA THR A 163 -1.18 22.90 1.41
C THR A 163 -1.66 22.72 2.86
N THR A 164 -1.15 23.53 3.79
CA THR A 164 -1.52 23.40 5.20
C THR A 164 -2.93 23.95 5.38
N ASP A 165 -3.07 25.22 4.98
CA ASP A 165 -4.31 25.95 4.86
C ASP A 165 -5.44 25.04 4.41
N VAL A 166 -5.54 24.82 3.11
CA VAL A 166 -6.75 24.33 2.48
C VAL A 166 -6.70 22.80 2.38
N GLY A 167 -5.49 22.25 2.15
CA GLY A 167 -5.27 20.82 2.23
C GLY A 167 -5.90 20.24 3.50
N ARG A 168 -5.73 20.94 4.63
CA ARG A 168 -6.18 20.36 5.88
C ARG A 168 -7.68 20.60 5.99
N LYS A 169 -8.15 21.71 5.43
CA LYS A 169 -9.56 21.96 5.45
C LYS A 169 -10.24 20.82 4.70
N LEU A 170 -9.65 20.46 3.55
CA LEU A 170 -10.22 19.42 2.72
C LEU A 170 -10.22 18.08 3.44
N ILE A 171 -9.03 17.64 3.84
CA ILE A 171 -8.82 16.26 4.21
C ILE A 171 -9.30 16.05 5.63
N ILE A 172 -8.95 16.98 6.52
CA ILE A 172 -9.23 16.79 7.94
C ILE A 172 -10.61 17.37 8.28
N ASP A 173 -10.87 18.61 7.85
CA ASP A 173 -12.15 19.24 8.16
C ASP A 173 -13.26 18.51 7.41
N GLN A 174 -13.08 18.30 6.10
CA GLN A 174 -14.15 17.88 5.19
C GLN A 174 -14.11 16.38 4.85
N ASN A 175 -12.98 15.69 5.10
CA ASN A 175 -12.86 14.26 4.87
C ASN A 175 -12.94 13.89 3.39
N VAL A 176 -12.40 14.76 2.55
CA VAL A 176 -12.47 14.60 1.11
C VAL A 176 -11.65 13.39 0.66
N PHE A 177 -10.52 13.13 1.34
CA PHE A 177 -9.71 12.02 0.89
C PHE A 177 -10.55 10.73 0.94
N ILE A 178 -11.46 10.65 1.90
CA ILE A 178 -12.19 9.42 2.13
C ILE A 178 -13.45 9.44 1.28
N GLU A 179 -14.15 10.58 1.30
CA GLU A 179 -15.42 10.68 0.63
C GLU A 179 -15.25 10.94 -0.87
N GLY A 180 -14.09 11.38 -1.33
CA GLY A 180 -13.95 11.92 -2.67
C GLY A 180 -12.84 11.20 -3.41
N THR A 181 -11.64 11.25 -2.85
CA THR A 181 -10.46 10.73 -3.52
C THR A 181 -10.56 9.21 -3.58
N LEU A 182 -11.07 8.64 -2.50
CA LEU A 182 -11.15 7.19 -2.35
C LEU A 182 -12.06 6.60 -3.43
N PRO A 183 -13.38 6.93 -3.46
CA PRO A 183 -14.25 6.40 -4.51
C PRO A 183 -13.69 6.64 -5.91
N MET A 184 -12.81 7.63 -6.03
CA MET A 184 -12.32 8.03 -7.33
C MET A 184 -11.02 7.32 -7.67
N GLY A 185 -10.54 6.44 -6.77
CA GLY A 185 -9.43 5.55 -7.10
C GLY A 185 -9.93 4.16 -7.49
N VAL A 186 -11.26 4.04 -7.72
CA VAL A 186 -11.92 2.81 -8.07
C VAL A 186 -12.85 3.05 -9.25
N VAL A 187 -12.85 2.13 -10.21
CA VAL A 187 -13.59 2.29 -11.45
C VAL A 187 -15.04 1.90 -11.22
N ARG A 188 -15.25 0.81 -10.48
CA ARG A 188 -16.62 0.45 -10.16
C ARG A 188 -17.12 1.30 -9.00
N PRO A 189 -18.44 1.49 -8.86
CA PRO A 189 -18.96 2.10 -7.64
C PRO A 189 -18.55 1.28 -6.44
N LEU A 190 -18.31 1.95 -5.31
CA LEU A 190 -18.15 1.26 -4.05
C LEU A 190 -19.52 1.26 -3.38
N THR A 191 -19.89 0.15 -2.74
CA THR A 191 -21.16 0.12 -2.03
C THR A 191 -21.07 0.99 -0.77
N GLU A 192 -22.19 1.09 -0.05
CA GLU A 192 -22.28 1.93 1.14
C GLU A 192 -21.64 1.16 2.28
N VAL A 193 -21.78 -0.17 2.25
CA VAL A 193 -21.14 -1.04 3.21
C VAL A 193 -19.62 -0.87 3.09
N GLU A 194 -19.09 -0.77 1.86
CA GLU A 194 -17.64 -0.69 1.68
C GLU A 194 -17.12 0.65 2.17
N MET A 195 -17.82 1.74 1.80
CA MET A 195 -17.52 3.09 2.22
C MET A 195 -17.44 3.16 3.75
N ASP A 196 -18.46 2.64 4.42
CA ASP A 196 -18.54 2.63 5.86
C ASP A 196 -17.34 1.93 6.49
N HIS A 197 -16.83 0.89 5.82
CA HIS A 197 -15.65 0.21 6.32
C HIS A 197 -14.43 1.13 6.25
N TYR A 198 -14.29 1.84 5.12
CA TYR A 198 -13.19 2.77 4.91
C TYR A 198 -13.35 4.00 5.82
N ARG A 199 -14.58 4.36 6.17
CA ARG A 199 -14.85 5.51 7.02
C ARG A 199 -14.59 5.25 8.50
N GLU A 200 -14.88 4.03 8.97
CA GLU A 200 -14.87 3.68 10.38
C GLU A 200 -13.69 4.26 11.14
N PRO A 201 -12.42 4.17 10.65
CA PRO A 201 -11.27 4.60 11.45
C PRO A 201 -11.14 6.11 11.60
N PHE A 202 -11.88 6.87 10.79
CA PHE A 202 -11.65 8.29 10.64
C PHE A 202 -12.94 9.07 10.83
N LEU A 203 -13.90 8.49 11.55
CA LEU A 203 -15.14 9.16 11.90
C LEU A 203 -14.85 10.43 12.69
N ASN A 204 -13.88 10.34 13.60
CA ASN A 204 -13.46 11.44 14.43
C ASN A 204 -12.45 12.27 13.66
N PRO A 205 -12.77 13.55 13.32
CA PRO A 205 -11.89 14.41 12.50
C PRO A 205 -10.46 14.57 13.03
N VAL A 206 -10.31 14.60 14.36
CA VAL A 206 -9.03 14.45 15.03
C VAL A 206 -8.17 13.45 14.27
N ASP A 207 -8.70 12.26 14.00
CA ASP A 207 -7.87 11.11 13.67
C ASP A 207 -7.44 11.03 12.20
N ARG A 208 -7.56 12.12 11.42
CA ARG A 208 -7.35 12.09 9.97
C ARG A 208 -6.00 12.69 9.57
N GLU A 209 -5.12 12.91 10.57
CA GLU A 209 -3.79 13.42 10.34
C GLU A 209 -3.04 12.58 9.30
N PRO A 210 -3.07 11.23 9.38
CA PRO A 210 -2.38 10.38 8.41
C PRO A 210 -2.75 10.72 6.96
N LEU A 211 -4.04 10.95 6.77
CA LEU A 211 -4.64 11.13 5.46
C LEU A 211 -4.17 12.40 4.79
N TRP A 212 -3.90 13.45 5.60
CA TRP A 212 -3.33 14.70 5.10
C TRP A 212 -1.80 14.59 4.95
N ARG A 213 -1.11 13.97 5.91
CA ARG A 213 0.35 13.94 5.85
C ARG A 213 0.84 13.20 4.59
N PHE A 214 0.30 12.00 4.35
CA PHE A 214 0.66 11.12 3.23
C PHE A 214 0.74 11.82 1.89
N PRO A 215 -0.31 12.48 1.41
CA PRO A 215 -0.20 13.26 0.18
C PRO A 215 0.88 14.35 0.24
N ASN A 216 1.10 14.93 1.43
CA ASN A 216 2.17 15.92 1.56
C ASN A 216 3.55 15.24 1.53
N GLU A 217 3.60 13.92 1.77
CA GLU A 217 4.85 13.18 1.71
C GLU A 217 5.16 12.63 0.29
N LEU A 218 4.19 12.60 -0.63
CA LEU A 218 4.39 12.06 -1.97
C LEU A 218 5.56 12.77 -2.63
N PRO A 219 6.51 12.03 -3.25
CA PRO A 219 7.67 12.63 -3.88
C PRO A 219 7.33 13.15 -5.27
N ILE A 220 6.81 14.39 -5.30
CA ILE A 220 6.39 15.03 -6.52
C ILE A 220 7.18 16.31 -6.73
N ALA A 221 7.70 16.47 -7.94
CA ALA A 221 8.42 17.66 -8.34
C ALA A 221 9.48 18.00 -7.32
N GLY A 222 10.21 16.99 -6.84
CA GLY A 222 11.43 17.20 -6.07
C GLY A 222 11.21 17.31 -4.56
N GLU A 223 9.96 17.58 -4.14
CA GLU A 223 9.67 17.83 -2.73
CA GLU A 223 9.67 17.83 -2.73
C GLU A 223 8.57 16.87 -2.27
N PRO A 224 8.63 16.37 -1.01
CA PRO A 224 9.71 16.65 -0.07
C PRO A 224 10.99 15.88 -0.38
N ALA A 225 12.12 16.60 -0.43
CA ALA A 225 13.39 16.06 -0.85
C ALA A 225 13.77 14.83 -0.02
N ASN A 226 13.38 14.78 1.26
CA ASN A 226 13.77 13.64 2.09
C ASN A 226 13.14 12.35 1.56
N ILE A 227 11.89 12.47 1.13
CA ILE A 227 11.13 11.35 0.61
C ILE A 227 11.69 11.00 -0.77
N VAL A 228 11.93 12.01 -1.60
CA VAL A 228 12.45 11.75 -2.93
C VAL A 228 13.76 10.98 -2.83
N ALA A 229 14.72 11.48 -2.06
CA ALA A 229 15.98 10.80 -1.86
C ALA A 229 15.77 9.32 -1.53
N LEU A 230 14.78 9.05 -0.68
CA LEU A 230 14.63 7.73 -0.10
C LEU A 230 14.00 6.79 -1.11
N VAL A 231 13.03 7.32 -1.86
CA VAL A 231 12.33 6.55 -2.86
C VAL A 231 13.27 6.23 -4.02
N GLU A 232 14.01 7.25 -4.49
CA GLU A 232 15.07 7.04 -5.46
C GLU A 232 15.94 5.87 -5.01
N GLU A 233 16.32 5.81 -3.73
CA GLU A 233 17.21 4.75 -3.29
C GLU A 233 16.59 3.36 -3.46
N TYR A 234 15.32 3.16 -3.08
CA TYR A 234 14.75 1.83 -3.09
C TYR A 234 14.50 1.38 -4.54
N MET A 235 14.07 2.31 -5.40
CA MET A 235 13.93 2.05 -6.83
C MET A 235 15.25 1.68 -7.52
N ASP A 236 16.36 2.32 -7.14
CA ASP A 236 17.66 1.95 -7.67
C ASP A 236 18.02 0.54 -7.20
N TRP A 237 17.71 0.22 -5.93
CA TRP A 237 17.97 -1.10 -5.37
C TRP A 237 17.16 -2.16 -6.13
N LEU A 238 15.90 -1.81 -6.41
CA LEU A 238 14.96 -2.70 -7.05
C LEU A 238 15.47 -3.07 -8.45
N HIS A 239 16.14 -2.11 -9.11
CA HIS A 239 16.68 -2.33 -10.45
C HIS A 239 17.93 -3.22 -10.42
N GLN A 240 18.59 -3.31 -9.27
CA GLN A 240 19.82 -4.09 -9.11
C GLN A 240 19.52 -5.34 -8.30
N SER A 241 18.22 -5.70 -8.13
CA SER A 241 17.85 -6.86 -7.31
C SER A 241 17.32 -8.02 -8.17
N PRO A 242 17.78 -9.28 -7.91
CA PRO A 242 17.18 -10.44 -8.55
C PRO A 242 15.82 -10.86 -7.99
N VAL A 243 15.49 -10.41 -6.76
CA VAL A 243 14.35 -10.92 -6.02
C VAL A 243 13.16 -10.98 -6.98
N PRO A 244 12.43 -12.11 -7.00
CA PRO A 244 11.25 -12.23 -7.85
C PRO A 244 10.22 -11.12 -7.65
N LYS A 245 9.68 -10.61 -8.75
CA LYS A 245 8.80 -9.46 -8.69
C LYS A 245 7.56 -9.70 -9.52
N LEU A 246 6.45 -9.17 -9.02
CA LEU A 246 5.17 -9.35 -9.66
C LEU A 246 4.44 -8.01 -9.61
N LEU A 247 4.13 -7.47 -10.78
CA LEU A 247 3.63 -6.12 -10.90
C LEU A 247 2.23 -6.16 -11.49
N PHE A 248 1.25 -5.81 -10.67
CA PHE A 248 -0.10 -5.58 -11.15
C PHE A 248 -0.23 -4.13 -11.58
N TRP A 249 -1.01 -3.94 -12.66
CA TRP A 249 -1.21 -2.63 -13.25
C TRP A 249 -2.56 -2.60 -13.92
N GLY A 250 -3.02 -1.37 -14.08
CA GLY A 250 -4.35 -1.09 -14.56
C GLY A 250 -4.32 0.05 -15.58
N THR A 251 -5.49 0.26 -16.19
CA THR A 251 -5.66 1.27 -17.21
C THR A 251 -6.82 2.16 -16.79
N PRO A 252 -6.59 3.49 -16.64
CA PRO A 252 -5.31 4.13 -16.94
C PRO A 252 -4.31 4.16 -15.78
N GLY A 253 -4.76 3.72 -14.60
CA GLY A 253 -3.95 3.81 -13.40
C GLY A 253 -3.97 5.22 -12.84
N VAL A 254 -3.08 5.50 -11.89
CA VAL A 254 -2.95 6.79 -11.22
C VAL A 254 -1.47 7.05 -10.92
N LEU A 255 -0.92 6.28 -9.98
CA LEU A 255 0.48 6.31 -9.64
C LEU A 255 1.32 5.60 -10.69
N ILE A 256 0.73 4.69 -11.47
CA ILE A 256 1.48 3.97 -12.49
C ILE A 256 0.63 3.89 -13.76
N PRO A 257 0.92 4.75 -14.76
CA PRO A 257 0.24 4.63 -16.04
C PRO A 257 0.76 3.41 -16.80
N PRO A 258 -0.07 2.87 -17.74
CA PRO A 258 0.27 1.65 -18.46
C PRO A 258 1.69 1.67 -19.01
N ALA A 259 2.02 2.78 -19.67
CA ALA A 259 3.33 2.99 -20.29
C ALA A 259 4.48 2.76 -19.31
N GLU A 260 4.27 3.06 -18.02
CA GLU A 260 5.35 2.99 -17.04
C GLU A 260 5.48 1.55 -16.54
N ALA A 261 4.33 0.85 -16.44
CA ALA A 261 4.33 -0.58 -16.11
C ALA A 261 5.12 -1.34 -17.17
N ALA A 262 4.81 -1.05 -18.45
CA ALA A 262 5.57 -1.54 -19.57
C ALA A 262 7.07 -1.39 -19.32
N ARG A 263 7.51 -0.17 -18.99
CA ARG A 263 8.93 0.16 -18.85
C ARG A 263 9.57 -0.65 -17.72
N LEU A 264 8.80 -0.88 -16.64
CA LEU A 264 9.31 -1.46 -15.41
C LEU A 264 9.38 -2.98 -15.51
N ALA A 265 8.31 -3.54 -16.07
CA ALA A 265 8.29 -4.92 -16.53
C ALA A 265 9.60 -5.32 -17.19
N LYS A 266 10.03 -4.50 -18.17
CA LYS A 266 11.31 -4.70 -18.84
C LYS A 266 12.48 -4.37 -17.92
N SER A 267 12.44 -3.20 -17.24
CA SER A 267 13.64 -2.63 -16.63
C SER A 267 14.03 -3.33 -15.34
N LEU A 268 13.05 -3.87 -14.61
CA LEU A 268 13.29 -4.50 -13.32
C LEU A 268 13.68 -5.97 -13.51
N PRO A 269 14.81 -6.44 -12.94
CA PRO A 269 15.15 -7.85 -13.08
C PRO A 269 14.03 -8.77 -12.62
N ASN A 270 13.86 -9.88 -13.34
CA ASN A 270 13.11 -11.04 -12.88
C ASN A 270 11.70 -10.61 -12.46
N CYS A 271 11.05 -9.84 -13.34
CA CYS A 271 9.78 -9.21 -13.03
C CYS A 271 8.67 -9.62 -14.00
N LYS A 272 7.62 -10.21 -13.44
CA LYS A 272 6.43 -10.58 -14.19
C LYS A 272 5.37 -9.52 -13.92
N ALA A 273 4.50 -9.26 -14.90
CA ALA A 273 3.63 -8.11 -14.87
C ALA A 273 2.26 -8.44 -15.44
N VAL A 274 1.20 -8.17 -14.68
CA VAL A 274 -0.11 -8.67 -15.04
C VAL A 274 -1.07 -7.51 -15.14
N ASP A 275 -1.67 -7.30 -16.30
CA ASP A 275 -2.67 -6.27 -16.55
C ASP A 275 -3.95 -6.73 -15.86
N ILE A 276 -4.69 -5.84 -15.19
CA ILE A 276 -5.87 -6.26 -14.44
C ILE A 276 -7.11 -5.68 -15.11
N GLY A 277 -6.91 -5.01 -16.25
CA GLY A 277 -7.99 -4.36 -16.97
C GLY A 277 -8.25 -2.97 -16.40
N PRO A 278 -9.49 -2.45 -16.49
CA PRO A 278 -9.79 -1.15 -15.91
C PRO A 278 -9.31 -1.06 -14.46
N GLY A 279 -8.60 0.04 -14.14
CA GLY A 279 -8.09 0.27 -12.80
C GLY A 279 -7.48 1.66 -12.64
N LEU A 280 -7.60 2.21 -11.42
CA LEU A 280 -7.09 3.53 -11.10
C LEU A 280 -5.98 3.40 -10.05
N ASN A 281 -6.34 3.46 -8.75
CA ASN A 281 -5.38 3.27 -7.68
C ASN A 281 -5.66 1.98 -6.91
N LEU A 282 -6.90 1.80 -6.46
CA LEU A 282 -7.25 0.67 -5.61
C LEU A 282 -7.59 -0.55 -6.47
N LEU A 283 -6.57 -1.03 -7.18
CA LEU A 283 -6.70 -2.15 -8.09
C LEU A 283 -7.44 -3.31 -7.43
N GLN A 284 -7.24 -3.49 -6.13
CA GLN A 284 -7.82 -4.60 -5.40
C GLN A 284 -9.34 -4.48 -5.32
N GLU A 285 -9.87 -3.28 -5.55
CA GLU A 285 -11.32 -3.11 -5.50
C GLU A 285 -11.94 -3.42 -6.87
N ASP A 286 -11.15 -3.28 -7.94
CA ASP A 286 -11.62 -3.49 -9.30
C ASP A 286 -11.49 -4.94 -9.77
N ASN A 287 -10.39 -5.65 -9.41
CA ASN A 287 -10.21 -7.03 -9.80
C ASN A 287 -9.44 -7.83 -8.75
N PRO A 288 -10.10 -8.12 -7.61
CA PRO A 288 -9.53 -8.96 -6.56
C PRO A 288 -9.18 -10.39 -6.95
N ASP A 289 -10.15 -11.08 -7.60
CA ASP A 289 -10.00 -12.48 -7.97
C ASP A 289 -8.76 -12.65 -8.85
N LEU A 290 -8.52 -11.69 -9.75
CA LEU A 290 -7.39 -11.81 -10.67
C LEU A 290 -6.06 -11.65 -9.92
N ILE A 291 -5.96 -10.63 -9.06
CA ILE A 291 -4.73 -10.34 -8.34
C ILE A 291 -4.47 -11.45 -7.30
N GLY A 292 -5.53 -11.80 -6.57
CA GLY A 292 -5.55 -12.92 -5.63
C GLY A 292 -5.06 -14.23 -6.25
N SER A 293 -5.68 -14.61 -7.37
CA SER A 293 -5.34 -15.83 -8.09
C SER A 293 -3.90 -15.77 -8.60
N GLU A 294 -3.48 -14.63 -9.17
CA GLU A 294 -2.15 -14.55 -9.75
C GLU A 294 -1.05 -14.59 -8.69
N ILE A 295 -1.33 -14.02 -7.51
CA ILE A 295 -0.34 -14.00 -6.43
C ILE A 295 -0.12 -15.43 -5.97
N ALA A 296 -1.24 -16.10 -5.66
CA ALA A 296 -1.24 -17.47 -5.20
C ALA A 296 -0.44 -18.35 -6.14
N ARG A 297 -0.74 -18.26 -7.43
CA ARG A 297 -0.04 -19.03 -8.46
C ARG A 297 1.46 -18.74 -8.45
N TRP A 298 1.79 -17.43 -8.58
CA TRP A 298 3.16 -16.94 -8.64
C TRP A 298 3.98 -17.40 -7.43
N LEU A 299 3.31 -17.38 -6.28
CA LEU A 299 3.88 -17.84 -5.03
C LEU A 299 4.39 -19.27 -5.19
N SER A 300 3.58 -20.13 -5.81
CA SER A 300 3.98 -21.51 -6.02
C SER A 300 5.23 -21.56 -6.90
N THR A 301 5.31 -20.68 -7.90
CA THR A 301 6.43 -20.70 -8.83
C THR A 301 7.72 -20.30 -8.15
N LEU A 302 7.65 -19.63 -6.97
CA LEU A 302 8.86 -19.24 -6.26
C LEU A 302 9.58 -20.47 -5.71
N GLU A 303 8.86 -21.58 -5.56
CA GLU A 303 9.47 -22.83 -5.11
C GLU A 303 10.06 -23.63 -6.26
N ILE A 304 9.80 -23.25 -7.52
CA ILE A 304 10.40 -23.90 -8.68
C ILE A 304 11.74 -23.26 -8.98
N SER A 305 12.85 -24.01 -8.79
CA SER A 305 14.20 -23.47 -8.94
C SER A 305 14.72 -23.63 -10.37
#